data_1Y3P
#
_entry.id   1Y3P
#
_cell.length_a   58.830
_cell.length_b   67.431
_cell.length_c   62.957
_cell.angle_alpha   90.00
_cell.angle_beta   95.90
_cell.angle_gamma   90.00
#
_symmetry.space_group_name_H-M   'P 1 21 1'
#
loop_
_entity.id
_entity.type
_entity.pdbx_description
1 polymer AlgQ1
2 branched 'beta-D-mannopyranuronic acid-(1-4)-alpha-D-mannopyranuronic acid-(1-4)-alpha-L-gulopyranuronic acid-(1-4)-alpha-D-mannopyranuronic acid'
3 non-polymer 'CALCIUM ION'
4 water water
#
_entity_poly.entity_id   1
_entity_poly.type   'polypeptide(L)'
_entity_poly.pdbx_seq_one_letter_code
;REATWVTEKPLTLKIHMHFRDKWVWDENWPVAREVARLTNVKLVGVANRAATNSQEQFNLMMASGQLPDIVGGDNLKDKF
IRYGMEGAFIPLNKLIDQNAPNLKAFFKTHPEVQRAITAPDGNIYYLPYVPDGLVSRGYFIRQDWLDKLHLKTPQTVDEL
YTVLKAFKEKDPNGNGKADEIPFINRDPEEVFRLVNFWGARSTGSNTWMDFYVENGKIKHPFAEVAFKDGIKHVAQWYKE
GLIDPEIFTRKARSREQTFGNNIGGMTHDWFASTALFNDALSKNIPGFKLVPMAPPINSKGQRWEEDARQIPRPDGWAIT
ATNKNPVETIKLFDFYFGPKGRELSNFGVPGLTYDIKNGKPVYKDTVLKAAQPVNNQMYDIGAQIPIGFWQDYEYERQWT
NDVALQGIDMYIKNKYVLPQFTGVNLTVEEREIYDKYWPDVKTYMFEMGQSWVMGTKDPEKTWNDYQQQLKNRGFYQVMI
VMQKAYDRQY
;
_entity_poly.pdbx_strand_id   A
#
loop_
_chem_comp.id
_chem_comp.type
_chem_comp.name
_chem_comp.formula
BEM D-saccharide, beta linking 'beta-D-mannopyranuronic acid' 'C6 H10 O7'
CA non-polymer 'CALCIUM ION' 'Ca 2'
LGU L-saccharide, alpha linking 'alpha-L-gulopyranuronic acid' 'C6 H10 O7'
MAV D-saccharide, alpha linking 'alpha-D-mannopyranuronic acid' 'C6 H10 O7'
#
# COMPACT_ATOMS: atom_id res chain seq x y z
N ARG A 1 33.80 6.30 17.01
CA ARG A 1 33.01 5.55 18.03
C ARG A 1 31.81 6.41 18.45
N GLU A 2 30.64 5.78 18.56
CA GLU A 2 29.42 6.47 18.94
C GLU A 2 28.66 5.65 19.99
N ALA A 3 27.94 6.34 20.87
CA ALA A 3 27.16 5.67 21.91
C ALA A 3 26.05 4.82 21.30
N THR A 4 25.67 5.15 20.07
CA THR A 4 24.62 4.42 19.36
C THR A 4 25.14 3.17 18.67
N TRP A 5 26.46 2.98 18.70
CA TRP A 5 27.08 1.81 18.09
C TRP A 5 26.50 0.52 18.67
N VAL A 6 26.27 -0.48 17.81
CA VAL A 6 25.73 -1.76 18.24
C VAL A 6 26.83 -2.83 18.19
N THR A 7 28.00 -2.41 17.73
CA THR A 7 29.16 -3.29 17.61
C THR A 7 30.41 -2.43 17.46
N GLU A 8 31.48 -2.82 18.16
CA GLU A 8 32.73 -2.08 18.11
C GLU A 8 33.41 -2.19 16.76
N LYS A 9 33.66 -3.42 16.31
CA LYS A 9 34.30 -3.61 15.02
C LYS A 9 33.25 -3.37 13.94
N PRO A 10 33.61 -2.63 12.89
CA PRO A 10 32.65 -2.36 11.81
C PRO A 10 32.07 -3.65 11.26
N LEU A 11 30.77 -3.64 10.99
CA LEU A 11 30.10 -4.82 10.45
C LEU A 11 29.25 -4.51 9.22
N THR A 12 29.48 -5.28 8.15
CA THR A 12 28.73 -5.12 6.92
C THR A 12 27.92 -6.38 6.65
N LEU A 13 26.65 -6.20 6.29
CA LEU A 13 25.76 -7.32 6.00
C LEU A 13 25.07 -7.13 4.65
N LYS A 14 24.71 -8.23 4.02
CA LYS A 14 24.05 -8.20 2.72
C LYS A 14 22.53 -8.22 2.88
N ILE A 15 21.85 -7.35 2.14
CA ILE A 15 20.39 -7.28 2.20
C ILE A 15 19.74 -7.37 0.83
N HIS A 16 18.70 -8.18 0.74
CA HIS A 16 17.95 -8.28 -0.52
C HIS A 16 16.65 -7.54 -0.26
N MET A 17 16.48 -6.40 -0.91
CA MET A 17 15.28 -5.62 -0.75
C MET A 17 14.84 -4.96 -2.03
N HIS A 18 13.89 -5.60 -2.71
CA HIS A 18 13.34 -5.07 -3.94
C HIS A 18 11.89 -4.77 -3.58
N PHE A 19 11.48 -3.51 -3.70
CA PHE A 19 10.13 -3.15 -3.32
C PHE A 19 9.34 -2.26 -4.26
N ARG A 20 8.01 -2.37 -4.15
CA ARG A 20 7.06 -1.60 -4.93
C ARG A 20 7.34 -1.64 -6.44
N ASP A 21 7.90 -2.76 -6.87
CA ASP A 21 8.22 -3.03 -8.27
C ASP A 21 9.14 -2.03 -8.96
N LYS A 22 9.93 -1.27 -8.21
CA LYS A 22 10.83 -0.33 -8.86
C LYS A 22 11.98 0.20 -8.01
N TRP A 23 12.11 -0.29 -6.79
CA TRP A 23 13.19 0.17 -5.92
C TRP A 23 13.98 -0.94 -5.26
N VAL A 24 15.23 -0.65 -4.96
CA VAL A 24 16.12 -1.59 -4.29
C VAL A 24 16.90 -0.82 -3.23
N TRP A 25 17.35 -1.51 -2.20
CA TRP A 25 18.11 -0.87 -1.15
C TRP A 25 19.38 -0.30 -1.75
N ASP A 26 19.74 0.89 -1.30
CA ASP A 26 20.93 1.58 -1.80
C ASP A 26 21.81 2.05 -0.65
N GLU A 27 22.92 1.36 -0.42
CA GLU A 27 23.84 1.72 0.64
C GLU A 27 24.30 3.17 0.44
N ASN A 28 24.12 3.68 -0.77
CA ASN A 28 24.51 5.05 -1.10
C ASN A 28 23.51 6.07 -0.57
N TRP A 29 22.33 5.60 -0.20
CA TRP A 29 21.30 6.50 0.33
C TRP A 29 21.80 7.34 1.49
N PRO A 30 21.38 8.60 1.57
CA PRO A 30 21.82 9.45 2.68
C PRO A 30 21.40 8.80 3.99
N VAL A 31 20.14 8.41 4.09
CA VAL A 31 19.64 7.78 5.32
C VAL A 31 20.45 6.53 5.68
N ALA A 32 20.67 5.64 4.71
CA ALA A 32 21.42 4.42 4.96
C ALA A 32 22.79 4.74 5.54
N ARG A 33 23.54 5.61 4.87
CA ARG A 33 24.86 5.99 5.34
C ARG A 33 24.80 6.64 6.71
N GLU A 34 23.73 7.37 6.99
CA GLU A 34 23.61 8.02 8.29
C GLU A 34 23.42 6.97 9.37
N VAL A 35 22.63 5.95 9.08
CA VAL A 35 22.39 4.88 10.04
C VAL A 35 23.68 4.06 10.21
N ALA A 36 24.39 3.82 9.11
CA ALA A 36 25.64 3.07 9.18
C ALA A 36 26.60 3.77 10.14
N ARG A 37 26.76 5.08 9.95
CA ARG A 37 27.64 5.87 10.80
C ARG A 37 27.26 5.72 12.27
N LEU A 38 25.99 5.92 12.58
CA LEU A 38 25.48 5.84 13.94
C LEU A 38 25.43 4.45 14.60
N THR A 39 25.42 3.39 13.81
CA THR A 39 25.34 2.04 14.39
C THR A 39 26.57 1.18 14.13
N ASN A 40 27.42 1.65 13.22
CA ASN A 40 28.65 0.93 12.85
C ASN A 40 28.32 -0.33 12.06
N VAL A 41 27.11 -0.37 11.49
CA VAL A 41 26.66 -1.50 10.69
C VAL A 41 26.22 -0.99 9.32
N LYS A 42 26.87 -1.50 8.27
CA LYS A 42 26.56 -1.10 6.90
C LYS A 42 25.89 -2.21 6.11
N LEU A 43 24.79 -1.86 5.43
CA LEU A 43 24.04 -2.83 4.63
C LEU A 43 24.32 -2.63 3.14
N VAL A 44 24.56 -3.73 2.45
CA VAL A 44 24.84 -3.69 1.02
C VAL A 44 23.77 -4.50 0.29
N GLY A 45 23.11 -3.86 -0.67
CA GLY A 45 22.05 -4.53 -1.42
C GLY A 45 22.53 -5.55 -2.44
N VAL A 46 21.69 -6.53 -2.72
CA VAL A 46 22.01 -7.58 -3.69
C VAL A 46 20.86 -7.85 -4.66
N ALA A 47 19.81 -7.05 -4.56
CA ALA A 47 18.63 -7.21 -5.40
C ALA A 47 18.88 -6.76 -6.84
N ASN A 48 18.23 -7.43 -7.79
CA ASN A 48 18.34 -7.11 -9.20
C ASN A 48 17.69 -5.77 -9.50
N ARG A 49 18.52 -4.75 -9.70
CA ARG A 49 18.07 -3.39 -9.98
C ARG A 49 17.17 -3.25 -11.21
N ALA A 50 17.39 -4.11 -12.20
CA ALA A 50 16.59 -4.06 -13.42
C ALA A 50 15.43 -5.03 -13.35
N ALA A 51 14.75 -5.06 -12.21
CA ALA A 51 13.61 -5.94 -12.01
C ALA A 51 12.32 -5.14 -11.97
N THR A 52 11.23 -5.73 -12.44
CA THR A 52 9.95 -5.05 -12.47
C THR A 52 8.92 -5.68 -11.53
N ASN A 53 9.26 -6.81 -10.93
CA ASN A 53 8.36 -7.50 -10.01
C ASN A 53 9.09 -7.91 -8.74
N SER A 54 8.84 -7.17 -7.65
CA SER A 54 9.48 -7.44 -6.37
C SER A 54 9.23 -8.86 -5.87
N GLN A 55 7.99 -9.33 -5.97
CA GLN A 55 7.65 -10.67 -5.50
C GLN A 55 8.45 -11.73 -6.27
N GLU A 56 8.54 -11.57 -7.59
CA GLU A 56 9.27 -12.50 -8.43
C GLU A 56 10.73 -12.57 -7.97
N GLN A 57 11.29 -11.40 -7.65
CA GLN A 57 12.66 -11.30 -7.18
C GLN A 57 12.87 -12.02 -5.86
N PHE A 58 11.86 -11.97 -4.99
CA PHE A 58 11.98 -12.65 -3.72
C PHE A 58 12.09 -14.14 -4.01
N ASN A 59 11.23 -14.63 -4.90
CA ASN A 59 11.25 -16.04 -5.27
C ASN A 59 12.58 -16.36 -5.93
N LEU A 60 13.03 -15.51 -6.85
CA LEU A 60 14.29 -15.70 -7.54
C LEU A 60 15.43 -15.86 -6.53
N MET A 61 15.44 -15.00 -5.52
CA MET A 61 16.45 -15.04 -4.47
C MET A 61 16.35 -16.34 -3.68
N MET A 62 15.12 -16.75 -3.41
CA MET A 62 14.86 -17.97 -2.65
C MET A 62 15.36 -19.19 -3.40
N ALA A 63 15.72 -19.00 -4.67
CA ALA A 63 16.22 -20.10 -5.50
C ALA A 63 17.52 -19.75 -6.20
N SER A 64 18.19 -18.70 -5.74
CA SER A 64 19.46 -18.29 -6.33
C SER A 64 20.64 -18.74 -5.48
N GLY A 65 20.38 -19.63 -4.53
CA GLY A 65 21.43 -20.12 -3.67
C GLY A 65 21.50 -19.43 -2.32
N GLN A 66 22.65 -19.56 -1.65
CA GLN A 66 22.88 -18.98 -0.33
C GLN A 66 22.16 -17.64 -0.16
N LEU A 67 21.31 -17.56 0.85
CA LEU A 67 20.56 -16.34 1.12
C LEU A 67 21.44 -15.25 1.73
N PRO A 68 21.04 -13.99 1.60
CA PRO A 68 21.82 -12.89 2.17
C PRO A 68 21.58 -12.89 3.68
N ASP A 69 21.90 -11.79 4.34
CA ASP A 69 21.73 -11.70 5.79
C ASP A 69 20.38 -11.15 6.23
N ILE A 70 19.81 -10.30 5.39
CA ILE A 70 18.53 -9.67 5.67
C ILE A 70 17.70 -9.59 4.39
N VAL A 71 16.38 -9.75 4.54
CA VAL A 71 15.48 -9.64 3.39
C VAL A 71 14.37 -8.68 3.81
N GLY A 72 14.09 -7.71 2.95
CA GLY A 72 13.05 -6.74 3.27
C GLY A 72 12.24 -6.31 2.06
N GLY A 73 11.07 -5.73 2.32
CA GLY A 73 10.22 -5.28 1.23
C GLY A 73 8.74 -5.25 1.58
N ASP A 74 7.92 -4.84 0.61
CA ASP A 74 6.48 -4.75 0.79
C ASP A 74 5.76 -6.05 0.43
N ASN A 75 4.63 -6.29 1.09
CA ASN A 75 3.81 -7.47 0.84
C ASN A 75 4.60 -8.77 0.92
N LEU A 76 5.40 -8.91 1.98
CA LEU A 76 6.21 -10.10 2.20
C LEU A 76 5.80 -10.87 3.45
N LYS A 77 4.82 -10.35 4.19
CA LYS A 77 4.36 -11.01 5.42
C LYS A 77 4.16 -12.51 5.24
N ASP A 78 3.35 -12.90 4.27
CA ASP A 78 3.08 -14.31 4.04
C ASP A 78 4.33 -15.13 3.70
N LYS A 79 5.27 -14.51 2.97
CA LYS A 79 6.50 -15.21 2.63
C LYS A 79 7.40 -15.31 3.86
N PHE A 80 7.44 -14.25 4.65
CA PHE A 80 8.24 -14.24 5.87
C PHE A 80 7.75 -15.34 6.79
N ILE A 81 6.44 -15.48 6.90
CA ILE A 81 5.85 -16.49 7.75
C ILE A 81 6.06 -17.90 7.19
N ARG A 82 5.72 -18.08 5.91
CA ARG A 82 5.87 -19.37 5.26
C ARG A 82 7.30 -19.90 5.37
N TYR A 83 8.26 -19.12 4.86
CA TYR A 83 9.65 -19.53 4.90
C TYR A 83 10.27 -19.42 6.28
N GLY A 84 9.66 -18.61 7.15
CA GLY A 84 10.17 -18.50 8.50
C GLY A 84 9.97 -19.86 9.18
N MET A 85 8.80 -20.45 8.99
CA MET A 85 8.52 -21.76 9.57
C MET A 85 9.36 -22.84 8.90
N GLU A 86 9.73 -22.63 7.64
CA GLU A 86 10.55 -23.59 6.92
C GLU A 86 12.02 -23.48 7.37
N GLY A 87 12.30 -22.47 8.19
CA GLY A 87 13.65 -22.29 8.69
C GLY A 87 14.54 -21.34 7.90
N ALA A 88 14.00 -20.67 6.90
CA ALA A 88 14.80 -19.74 6.10
C ALA A 88 15.03 -18.44 6.88
N PHE A 89 14.08 -18.11 7.75
CA PHE A 89 14.16 -16.93 8.59
C PHE A 89 14.08 -17.39 10.03
N ILE A 90 14.85 -16.76 10.92
CA ILE A 90 14.89 -17.14 12.32
C ILE A 90 13.89 -16.39 13.19
N PRO A 91 13.42 -17.01 14.27
CA PRO A 91 12.47 -16.38 15.19
C PRO A 91 13.19 -15.23 15.90
N LEU A 92 12.47 -14.13 16.14
CA LEU A 92 13.07 -12.96 16.77
C LEU A 92 12.60 -12.71 18.21
N ASN A 93 11.70 -13.54 18.70
CA ASN A 93 11.15 -13.41 20.06
C ASN A 93 12.23 -13.24 21.13
N LYS A 94 13.15 -14.19 21.19
CA LYS A 94 14.23 -14.17 22.17
C LYS A 94 15.14 -12.96 21.97
N LEU A 95 15.66 -12.82 20.76
CA LEU A 95 16.56 -11.71 20.43
C LEU A 95 16.01 -10.37 20.89
N ILE A 96 14.71 -10.18 20.70
CA ILE A 96 14.05 -8.93 21.09
C ILE A 96 14.01 -8.72 22.60
N ASP A 97 13.51 -9.71 23.32
CA ASP A 97 13.42 -9.60 24.78
C ASP A 97 14.78 -9.35 25.42
N GLN A 98 15.84 -9.83 24.78
CA GLN A 98 17.17 -9.67 25.34
C GLN A 98 18.06 -8.56 24.79
N ASN A 99 17.84 -8.13 23.55
CA ASN A 99 18.70 -7.09 22.98
C ASN A 99 17.99 -5.92 22.29
N ALA A 100 16.67 -5.89 22.33
CA ALA A 100 15.94 -4.81 21.67
C ALA A 100 14.94 -4.14 22.61
N PRO A 101 15.43 -3.28 23.51
CA PRO A 101 14.56 -2.58 24.47
C PRO A 101 13.51 -1.67 23.84
N ASN A 102 13.85 -1.02 22.72
CA ASN A 102 12.91 -0.13 22.04
C ASN A 102 11.71 -0.92 21.49
N LEU A 103 11.99 -2.06 20.88
CA LEU A 103 10.95 -2.91 20.31
C LEU A 103 10.13 -3.62 21.39
N LYS A 104 10.81 -4.10 22.43
CA LYS A 104 10.11 -4.78 23.51
C LYS A 104 9.09 -3.83 24.11
N ALA A 105 9.47 -2.56 24.22
CA ALA A 105 8.56 -1.55 24.77
C ALA A 105 7.44 -1.25 23.79
N PHE A 106 7.78 -1.14 22.51
CA PHE A 106 6.78 -0.86 21.48
C PHE A 106 5.69 -1.94 21.49
N PHE A 107 6.09 -3.19 21.45
CA PHE A 107 5.15 -4.32 21.43
C PHE A 107 4.33 -4.41 22.70
N LYS A 108 4.96 -4.11 23.82
CA LYS A 108 4.28 -4.14 25.11
C LYS A 108 3.07 -3.21 25.06
N THR A 109 3.23 -2.06 24.40
CA THR A 109 2.14 -1.09 24.29
C THR A 109 1.33 -1.25 23.01
N HIS A 110 1.76 -2.14 22.13
CA HIS A 110 1.05 -2.36 20.87
C HIS A 110 0.77 -3.85 20.67
N PRO A 111 0.00 -4.45 21.60
CA PRO A 111 -0.34 -5.88 21.55
C PRO A 111 -0.97 -6.34 20.23
N GLU A 112 -1.81 -5.49 19.63
CA GLU A 112 -2.44 -5.85 18.37
C GLU A 112 -1.40 -6.02 17.27
N VAL A 113 -0.42 -5.13 17.25
CA VAL A 113 0.63 -5.19 16.24
C VAL A 113 1.42 -6.48 16.40
N GLN A 114 1.83 -6.78 17.63
CA GLN A 114 2.59 -7.99 17.89
C GLN A 114 1.83 -9.21 17.40
N ARG A 115 0.54 -9.26 17.71
CA ARG A 115 -0.30 -10.38 17.30
C ARG A 115 -0.37 -10.46 15.78
N ALA A 116 -0.55 -9.32 15.13
CA ALA A 116 -0.66 -9.29 13.68
C ALA A 116 0.55 -9.85 12.92
N ILE A 117 1.73 -9.80 13.54
CA ILE A 117 2.92 -10.30 12.86
C ILE A 117 3.36 -11.68 13.33
N THR A 118 2.66 -12.23 14.32
CA THR A 118 3.02 -13.54 14.85
C THR A 118 2.53 -14.70 13.99
N ALA A 119 3.40 -15.67 13.78
CA ALA A 119 3.10 -16.86 12.98
C ALA A 119 2.33 -17.92 13.77
N PRO A 120 1.81 -18.94 13.07
CA PRO A 120 1.05 -20.02 13.72
C PRO A 120 1.83 -20.69 14.84
N ASP A 121 3.14 -20.83 14.67
CA ASP A 121 3.96 -21.46 15.70
C ASP A 121 4.27 -20.49 16.83
N GLY A 122 3.66 -19.30 16.78
CA GLY A 122 3.88 -18.31 17.81
C GLY A 122 5.17 -17.50 17.67
N ASN A 123 5.91 -17.74 16.59
CA ASN A 123 7.15 -17.01 16.37
C ASN A 123 7.00 -15.75 15.53
N ILE A 124 7.80 -14.75 15.85
CA ILE A 124 7.82 -13.48 15.11
C ILE A 124 8.96 -13.65 14.12
N TYR A 125 8.65 -13.63 12.84
CA TYR A 125 9.68 -13.81 11.81
C TYR A 125 10.15 -12.55 11.12
N TYR A 126 9.53 -11.42 11.44
CA TYR A 126 9.92 -10.15 10.84
C TYR A 126 9.47 -8.97 11.68
N LEU A 127 9.99 -7.79 11.32
CA LEU A 127 9.63 -6.54 11.98
C LEU A 127 8.86 -5.79 10.91
N PRO A 128 7.65 -5.33 11.23
CA PRO A 128 6.78 -4.61 10.31
C PRO A 128 6.95 -3.11 10.12
N TYR A 129 6.41 -2.65 9.00
CA TYR A 129 6.36 -1.24 8.66
C TYR A 129 5.07 -0.89 9.40
N VAL A 130 5.15 0.05 10.33
CA VAL A 130 3.98 0.46 11.12
C VAL A 130 3.54 1.85 10.72
N PRO A 131 2.50 1.95 9.88
CA PRO A 131 2.00 3.26 9.44
C PRO A 131 1.46 4.08 10.62
N ASP A 132 1.29 5.38 10.40
CA ASP A 132 0.75 6.25 11.45
C ASP A 132 -0.29 7.11 10.73
N GLY A 133 -1.49 7.19 11.31
CA GLY A 133 -2.56 7.96 10.71
C GLY A 133 -3.84 7.16 10.73
N LEU A 134 -4.93 7.74 10.21
CA LEU A 134 -6.24 7.07 10.19
C LEU A 134 -6.75 6.76 8.79
N VAL A 135 -7.10 7.80 8.04
CA VAL A 135 -7.60 7.59 6.68
C VAL A 135 -6.43 7.46 5.71
N SER A 136 -6.72 6.98 4.51
CA SER A 136 -5.68 6.81 3.51
C SER A 136 -6.10 7.47 2.20
N ARG A 137 -6.98 6.80 1.45
CA ARG A 137 -7.48 7.32 0.18
C ARG A 137 -8.86 7.97 0.23
N GLY A 138 -9.18 8.72 -0.81
CA GLY A 138 -10.46 9.38 -0.93
C GLY A 138 -10.64 9.76 -2.39
N TYR A 139 -11.88 10.04 -2.80
CA TYR A 139 -12.12 10.41 -4.20
C TYR A 139 -11.80 11.89 -4.44
N PHE A 140 -11.19 12.18 -5.59
CA PHE A 140 -10.84 13.54 -5.99
C PHE A 140 -11.42 13.80 -7.38
N ILE A 141 -11.97 14.98 -7.60
CA ILE A 141 -12.53 15.29 -8.91
C ILE A 141 -12.16 16.72 -9.32
N ARG A 142 -12.09 16.97 -10.63
CA ARG A 142 -11.74 18.28 -11.16
C ARG A 142 -12.89 19.25 -11.00
N GLN A 143 -12.82 20.09 -9.97
CA GLN A 143 -13.85 21.08 -9.69
C GLN A 143 -13.90 22.14 -10.78
N ASP A 144 -12.76 22.42 -11.40
CA ASP A 144 -12.77 23.43 -12.44
C ASP A 144 -13.49 22.91 -13.68
N TRP A 145 -13.39 21.61 -13.94
CA TRP A 145 -14.06 21.02 -15.10
C TRP A 145 -15.58 21.00 -14.87
N LEU A 146 -15.97 20.69 -13.64
CA LEU A 146 -17.39 20.69 -13.28
C LEU A 146 -17.96 22.09 -13.52
N ASP A 147 -17.25 23.10 -13.02
CA ASP A 147 -17.69 24.49 -13.17
C ASP A 147 -17.72 24.91 -14.63
N LYS A 148 -16.70 24.52 -15.38
CA LYS A 148 -16.62 24.87 -16.80
C LYS A 148 -17.80 24.28 -17.58
N LEU A 149 -18.24 23.08 -17.19
CA LEU A 149 -19.33 22.42 -17.87
C LEU A 149 -20.67 22.63 -17.18
N HIS A 150 -20.67 23.46 -16.14
CA HIS A 150 -21.88 23.79 -15.38
C HIS A 150 -22.52 22.56 -14.75
N LEU A 151 -21.69 21.66 -14.23
CA LEU A 151 -22.17 20.44 -13.59
C LEU A 151 -22.00 20.52 -12.09
N LYS A 152 -22.90 19.88 -11.35
CA LYS A 152 -22.82 19.88 -9.90
C LYS A 152 -22.07 18.62 -9.45
N THR A 153 -21.47 18.68 -8.26
CA THR A 153 -20.75 17.53 -7.73
C THR A 153 -21.67 16.31 -7.75
N PRO A 154 -21.26 15.23 -8.43
CA PRO A 154 -22.12 14.03 -8.49
C PRO A 154 -22.31 13.41 -7.12
N GLN A 155 -23.57 13.15 -6.78
CA GLN A 155 -23.93 12.57 -5.49
C GLN A 155 -24.22 11.07 -5.56
N THR A 156 -24.60 10.59 -6.74
CA THR A 156 -24.89 9.17 -6.94
C THR A 156 -24.06 8.62 -8.10
N VAL A 157 -24.05 7.29 -8.24
CA VAL A 157 -23.30 6.63 -9.30
C VAL A 157 -23.86 7.04 -10.68
N ASP A 158 -25.17 7.18 -10.78
CA ASP A 158 -25.78 7.59 -12.04
C ASP A 158 -25.35 9.01 -12.41
N GLU A 159 -25.31 9.91 -11.42
CA GLU A 159 -24.88 11.28 -11.65
C GLU A 159 -23.40 11.30 -12.02
N LEU A 160 -22.62 10.42 -11.40
CA LEU A 160 -21.19 10.35 -11.68
C LEU A 160 -20.99 9.89 -13.12
N TYR A 161 -21.72 8.87 -13.52
CA TYR A 161 -21.61 8.36 -14.89
C TYR A 161 -21.83 9.49 -15.89
N THR A 162 -22.82 10.35 -15.60
CA THR A 162 -23.13 11.48 -16.47
C THR A 162 -21.99 12.50 -16.49
N VAL A 163 -21.39 12.73 -15.32
CA VAL A 163 -20.29 13.68 -15.21
C VAL A 163 -19.05 13.19 -15.98
N LEU A 164 -18.69 11.93 -15.78
CA LEU A 164 -17.52 11.34 -16.46
C LEU A 164 -17.75 11.30 -17.97
N LYS A 165 -18.98 11.01 -18.36
CA LYS A 165 -19.33 10.96 -19.78
C LYS A 165 -19.12 12.36 -20.37
N ALA A 166 -19.51 13.40 -19.61
CA ALA A 166 -19.35 14.78 -20.06
C ALA A 166 -17.87 15.15 -20.16
N PHE A 167 -17.08 14.69 -19.20
CA PHE A 167 -15.65 14.95 -19.20
C PHE A 167 -15.03 14.40 -20.48
N LYS A 168 -15.51 13.23 -20.87
CA LYS A 168 -15.03 12.54 -22.05
C LYS A 168 -15.44 13.19 -23.36
N GLU A 169 -16.69 13.62 -23.46
CA GLU A 169 -17.19 14.17 -24.71
C GLU A 169 -17.36 15.66 -24.86
N LYS A 170 -17.37 16.40 -23.76
CA LYS A 170 -17.58 17.84 -23.80
C LYS A 170 -16.34 18.74 -23.82
N ASP A 171 -15.19 18.15 -24.12
CA ASP A 171 -13.96 18.93 -24.23
C ASP A 171 -13.75 19.94 -23.10
N PRO A 172 -13.68 19.47 -21.85
CA PRO A 172 -13.48 20.42 -20.75
C PRO A 172 -12.19 21.25 -20.80
N ASN A 173 -11.08 20.69 -21.29
CA ASN A 173 -9.85 21.49 -21.34
C ASN A 173 -9.87 22.43 -22.54
N GLY A 174 -10.99 22.40 -23.27
CA GLY A 174 -11.21 23.28 -24.40
C GLY A 174 -10.21 23.39 -25.54
N ASN A 175 -9.52 22.30 -25.86
CA ASN A 175 -8.55 22.36 -26.95
C ASN A 175 -9.11 21.76 -28.25
N GLY A 176 -10.42 21.52 -28.25
CA GLY A 176 -11.08 20.97 -29.43
C GLY A 176 -10.76 19.52 -29.73
N LYS A 177 -10.06 18.86 -28.81
CA LYS A 177 -9.71 17.46 -28.99
C LYS A 177 -10.31 16.58 -27.91
N ALA A 178 -10.65 15.35 -28.29
CA ALA A 178 -11.23 14.39 -27.35
C ALA A 178 -10.05 13.65 -26.71
N ASP A 179 -9.32 14.36 -25.86
CA ASP A 179 -8.15 13.81 -25.19
C ASP A 179 -8.36 13.52 -23.72
N GLU A 180 -9.49 13.97 -23.18
CA GLU A 180 -9.79 13.76 -21.76
C GLU A 180 -9.99 12.30 -21.37
N ILE A 181 -9.47 11.93 -20.20
CA ILE A 181 -9.62 10.58 -19.66
C ILE A 181 -10.30 10.84 -18.33
N PRO A 182 -11.61 10.50 -18.23
CA PRO A 182 -12.38 10.72 -17.01
C PRO A 182 -11.76 10.22 -15.71
N PHE A 183 -11.53 8.93 -15.61
CA PHE A 183 -10.97 8.35 -14.39
C PHE A 183 -9.58 7.77 -14.58
N ILE A 184 -8.64 8.23 -13.75
CA ILE A 184 -7.26 7.75 -13.81
C ILE A 184 -6.84 7.28 -12.42
N ASN A 185 -5.82 6.44 -12.37
CA ASN A 185 -5.32 5.96 -11.09
C ASN A 185 -3.93 5.34 -11.23
N ARG A 186 -3.03 5.66 -10.30
CA ARG A 186 -1.70 5.08 -10.38
C ARG A 186 -1.69 3.62 -9.94
N ASP A 187 -2.75 3.17 -9.27
CA ASP A 187 -2.86 1.78 -8.83
C ASP A 187 -3.86 0.99 -9.66
N PRO A 188 -3.39 0.02 -10.45
CA PRO A 188 -4.31 -0.76 -11.27
C PRO A 188 -5.46 -1.38 -10.47
N GLU A 189 -5.18 -1.82 -9.24
CA GLU A 189 -6.19 -2.43 -8.40
C GLU A 189 -7.38 -1.53 -8.09
N GLU A 190 -7.20 -0.22 -8.19
CA GLU A 190 -8.29 0.70 -7.93
C GLU A 190 -9.43 0.51 -8.95
N VAL A 191 -9.11 -0.07 -10.10
CA VAL A 191 -10.16 -0.29 -11.10
C VAL A 191 -11.14 -1.33 -10.56
N PHE A 192 -10.62 -2.28 -9.78
CA PHE A 192 -11.45 -3.30 -9.19
C PHE A 192 -12.31 -2.68 -8.08
N ARG A 193 -11.75 -1.70 -7.37
CA ARG A 193 -12.48 -1.06 -6.29
C ARG A 193 -13.71 -0.33 -6.82
N LEU A 194 -13.75 -0.06 -8.12
CA LEU A 194 -14.90 0.62 -8.69
C LEU A 194 -16.18 -0.19 -8.52
N VAL A 195 -16.05 -1.48 -8.21
CA VAL A 195 -17.25 -2.29 -8.03
C VAL A 195 -18.04 -1.82 -6.79
N ASN A 196 -17.39 -1.03 -5.95
CA ASN A 196 -18.04 -0.47 -4.76
C ASN A 196 -19.25 0.35 -5.20
N PHE A 197 -19.14 0.98 -6.36
CA PHE A 197 -20.23 1.81 -6.89
C PHE A 197 -21.50 0.98 -7.06
N TRP A 198 -21.34 -0.33 -7.21
CA TRP A 198 -22.49 -1.20 -7.37
C TRP A 198 -22.64 -2.19 -6.21
N GLY A 199 -22.31 -1.71 -5.01
CA GLY A 199 -22.46 -2.51 -3.81
C GLY A 199 -21.65 -3.78 -3.66
N ALA A 200 -20.48 -3.85 -4.29
CA ALA A 200 -19.62 -5.02 -4.18
C ALA A 200 -18.27 -4.60 -3.61
N ARG A 201 -17.69 -5.43 -2.75
CA ARG A 201 -16.39 -5.13 -2.15
C ARG A 201 -15.28 -5.56 -3.13
N SER A 202 -14.07 -5.04 -2.90
CA SER A 202 -12.93 -5.42 -3.74
C SER A 202 -11.82 -5.94 -2.84
N THR A 203 -11.88 -5.54 -1.57
CA THR A 203 -10.90 -5.98 -0.56
C THR A 203 -11.32 -5.53 0.83
N GLY A 204 -10.92 -6.31 1.83
CA GLY A 204 -11.27 -6.01 3.21
C GLY A 204 -10.33 -5.08 3.94
N SER A 205 -9.19 -4.73 3.34
CA SER A 205 -8.24 -3.82 3.98
C SER A 205 -7.32 -3.16 2.96
N ASN A 206 -6.33 -2.43 3.46
CA ASN A 206 -5.35 -1.75 2.62
C ASN A 206 -4.51 -2.77 1.85
N THR A 207 -4.55 -4.02 2.29
CA THR A 207 -3.84 -5.09 1.59
C THR A 207 -4.75 -5.46 0.41
N TRP A 208 -4.20 -5.41 -0.81
CA TRP A 208 -5.00 -5.72 -2.00
C TRP A 208 -5.63 -7.11 -1.98
N MET A 209 -6.84 -7.22 -2.54
CA MET A 209 -7.58 -8.47 -2.60
C MET A 209 -7.57 -9.27 -1.29
N ASP A 210 -7.84 -8.57 -0.19
CA ASP A 210 -7.88 -9.17 1.13
C ASP A 210 -9.31 -9.64 1.41
N PHE A 211 -9.48 -10.57 2.35
CA PHE A 211 -10.81 -11.06 2.69
C PHE A 211 -11.53 -10.01 3.55
N TYR A 212 -12.83 -10.21 3.76
CA TYR A 212 -13.59 -9.30 4.62
C TYR A 212 -14.59 -10.14 5.41
N VAL A 213 -15.19 -9.52 6.43
CA VAL A 213 -16.16 -10.23 7.24
C VAL A 213 -17.51 -9.55 7.16
N GLU A 214 -18.55 -10.38 7.06
CA GLU A 214 -19.91 -9.91 6.97
C GLU A 214 -20.81 -10.90 7.69
N ASN A 215 -21.39 -10.44 8.80
CA ASN A 215 -22.28 -11.27 9.60
C ASN A 215 -21.64 -12.61 10.01
N GLY A 216 -20.51 -12.53 10.71
CA GLY A 216 -19.82 -13.73 11.17
C GLY A 216 -19.29 -14.68 10.11
N LYS A 217 -19.28 -14.25 8.85
CA LYS A 217 -18.78 -15.11 7.78
C LYS A 217 -17.64 -14.48 6.99
N ILE A 218 -16.56 -15.23 6.85
CA ILE A 218 -15.40 -14.78 6.08
C ILE A 218 -15.74 -14.91 4.61
N LYS A 219 -15.46 -13.88 3.83
CA LYS A 219 -15.74 -13.90 2.42
C LYS A 219 -14.62 -13.23 1.65
N HIS A 220 -14.46 -13.59 0.37
CA HIS A 220 -13.46 -12.94 -0.43
C HIS A 220 -14.19 -12.25 -1.57
N PRO A 221 -13.96 -10.94 -1.73
CA PRO A 221 -14.57 -10.08 -2.75
C PRO A 221 -14.66 -10.65 -4.16
N PHE A 222 -13.57 -11.23 -4.66
CA PHE A 222 -13.56 -11.78 -6.01
C PHE A 222 -14.40 -13.04 -6.23
N ALA A 223 -14.81 -13.70 -5.16
CA ALA A 223 -15.61 -14.92 -5.26
C ALA A 223 -17.12 -14.69 -5.15
N GLU A 224 -17.51 -13.51 -4.71
CA GLU A 224 -18.91 -13.16 -4.51
C GLU A 224 -19.69 -12.85 -5.78
N VAL A 225 -20.97 -13.21 -5.78
CA VAL A 225 -21.86 -12.97 -6.92
C VAL A 225 -21.97 -11.46 -7.18
N ALA A 226 -21.94 -10.66 -6.12
CA ALA A 226 -22.03 -9.20 -6.29
C ALA A 226 -20.89 -8.66 -7.18
N PHE A 227 -19.75 -9.33 -7.12
CA PHE A 227 -18.57 -8.93 -7.92
C PHE A 227 -18.85 -9.22 -9.39
N LYS A 228 -19.52 -10.32 -9.66
CA LYS A 228 -19.83 -10.67 -11.04
C LYS A 228 -20.66 -9.56 -11.68
N ASP A 229 -21.73 -9.15 -10.99
CA ASP A 229 -22.59 -8.10 -11.51
C ASP A 229 -21.89 -6.74 -11.49
N GLY A 230 -21.13 -6.48 -10.44
CA GLY A 230 -20.44 -5.21 -10.33
C GLY A 230 -19.36 -5.04 -11.38
N ILE A 231 -18.59 -6.10 -11.63
CA ILE A 231 -17.51 -6.03 -12.61
C ILE A 231 -18.06 -5.83 -14.03
N LYS A 232 -19.30 -6.25 -14.26
CA LYS A 232 -19.92 -6.06 -15.58
C LYS A 232 -20.06 -4.55 -15.83
N HIS A 233 -20.41 -3.83 -14.78
CA HIS A 233 -20.56 -2.38 -14.86
C HIS A 233 -19.22 -1.70 -15.10
N VAL A 234 -18.19 -2.16 -14.40
CA VAL A 234 -16.85 -1.60 -14.56
C VAL A 234 -16.39 -1.82 -16.01
N ALA A 235 -16.65 -3.02 -16.53
CA ALA A 235 -16.28 -3.37 -17.89
C ALA A 235 -16.96 -2.41 -18.87
N GLN A 236 -18.20 -2.06 -18.58
CA GLN A 236 -18.94 -1.15 -19.43
C GLN A 236 -18.29 0.24 -19.41
N TRP A 237 -17.99 0.74 -18.22
CA TRP A 237 -17.35 2.05 -18.08
C TRP A 237 -16.01 2.07 -18.80
N TYR A 238 -15.32 0.93 -18.78
CA TYR A 238 -14.03 0.83 -19.46
C TYR A 238 -14.23 0.85 -20.98
N LYS A 239 -15.24 0.12 -21.47
CA LYS A 239 -15.55 0.07 -22.90
C LYS A 239 -15.92 1.45 -23.43
N GLU A 240 -16.63 2.23 -22.62
CA GLU A 240 -17.04 3.57 -23.00
C GLU A 240 -15.93 4.61 -22.79
N GLY A 241 -14.75 4.14 -22.40
CA GLY A 241 -13.63 5.04 -22.19
C GLY A 241 -13.72 5.98 -21.00
N LEU A 242 -14.61 5.69 -20.05
CA LEU A 242 -14.73 6.54 -18.87
C LEU A 242 -13.56 6.23 -17.95
N ILE A 243 -13.04 5.01 -18.07
CA ILE A 243 -11.90 4.56 -17.29
C ILE A 243 -10.68 4.53 -18.19
N ASP A 244 -9.58 5.09 -17.69
CA ASP A 244 -8.32 5.13 -18.42
C ASP A 244 -8.04 3.79 -19.10
N PRO A 245 -7.95 3.77 -20.44
CA PRO A 245 -7.68 2.50 -21.13
C PRO A 245 -6.36 1.88 -20.71
N GLU A 246 -5.44 2.72 -20.23
CA GLU A 246 -4.13 2.24 -19.78
C GLU A 246 -4.13 1.98 -18.27
N ILE A 247 -5.31 1.82 -17.69
CA ILE A 247 -5.42 1.61 -16.25
C ILE A 247 -4.51 0.49 -15.68
N PHE A 248 -4.30 -0.58 -16.42
CA PHE A 248 -3.44 -1.66 -15.93
C PHE A 248 -1.96 -1.46 -16.28
N THR A 249 -1.66 -0.48 -17.12
CA THR A 249 -0.27 -0.26 -17.55
C THR A 249 0.41 1.05 -17.16
N ARG A 250 -0.34 2.15 -17.08
CA ARG A 250 0.22 3.46 -16.74
C ARG A 250 0.95 3.47 -15.39
N LYS A 251 0.24 3.09 -14.33
CA LYS A 251 0.79 3.00 -12.99
C LYS A 251 1.34 4.24 -12.27
N ALA A 252 2.52 4.08 -11.68
CA ALA A 252 3.21 5.09 -10.86
C ALA A 252 3.04 6.59 -11.12
N ARG A 253 3.30 7.05 -12.33
CA ARG A 253 3.20 8.48 -12.64
C ARG A 253 1.92 8.87 -13.38
N SER A 254 0.83 8.15 -13.13
CA SER A 254 -0.44 8.46 -13.78
C SER A 254 -0.88 9.89 -13.48
N ARG A 255 -0.63 10.35 -12.26
CA ARG A 255 -1.05 11.70 -11.90
C ARG A 255 -0.25 12.79 -12.61
N GLU A 256 1.08 12.69 -12.60
CA GLU A 256 1.92 13.68 -13.26
C GLU A 256 1.58 13.76 -14.76
N GLN A 257 1.30 12.61 -15.35
CA GLN A 257 0.96 12.54 -16.76
C GLN A 257 -0.39 13.13 -17.11
N THR A 258 -1.45 12.60 -16.52
CA THR A 258 -2.81 13.03 -16.82
C THR A 258 -3.22 14.38 -16.26
N PHE A 259 -2.85 14.68 -15.02
CA PHE A 259 -3.19 15.99 -14.46
C PHE A 259 -2.24 17.01 -15.07
N GLY A 260 -0.97 16.63 -15.22
CA GLY A 260 0.01 17.54 -15.79
C GLY A 260 -0.32 17.98 -17.21
N ASN A 261 -0.90 17.08 -18.00
CA ASN A 261 -1.26 17.41 -19.37
C ASN A 261 -2.73 17.82 -19.46
N ASN A 262 -3.33 18.09 -18.30
CA ASN A 262 -4.72 18.51 -18.22
C ASN A 262 -5.72 17.60 -18.96
N ILE A 263 -5.59 16.29 -18.77
CA ILE A 263 -6.51 15.34 -19.39
C ILE A 263 -7.13 14.35 -18.39
N GLY A 264 -6.75 14.48 -17.12
CA GLY A 264 -7.30 13.60 -16.10
C GLY A 264 -8.41 14.31 -15.34
N GLY A 265 -9.56 13.66 -15.16
CA GLY A 265 -10.65 14.33 -14.47
C GLY A 265 -11.02 13.88 -13.07
N MET A 266 -10.55 12.70 -12.66
CA MET A 266 -10.92 12.16 -11.35
C MET A 266 -10.05 10.98 -10.95
N THR A 267 -9.86 10.79 -9.64
CA THR A 267 -9.10 9.66 -9.15
C THR A 267 -9.53 9.29 -7.73
N HIS A 268 -8.94 8.22 -7.22
CA HIS A 268 -9.21 7.76 -5.85
C HIS A 268 -7.80 7.42 -5.36
N ASP A 269 -7.23 8.32 -4.56
CA ASP A 269 -5.86 8.15 -4.10
C ASP A 269 -5.63 8.84 -2.74
N TRP A 270 -4.43 8.69 -2.19
CA TRP A 270 -4.08 9.28 -0.89
C TRP A 270 -4.26 10.79 -0.89
N PHE A 271 -4.87 11.30 0.18
CA PHE A 271 -5.16 12.73 0.32
C PHE A 271 -4.00 13.71 0.15
N ALA A 272 -2.94 13.53 0.94
CA ALA A 272 -1.81 14.44 0.90
C ALA A 272 -1.10 14.61 -0.44
N SER A 273 -0.57 13.52 -1.00
CA SER A 273 0.13 13.62 -2.27
C SER A 273 -0.79 14.02 -3.43
N THR A 274 -2.03 13.57 -3.42
CA THR A 274 -2.96 13.90 -4.50
C THR A 274 -3.36 15.38 -4.50
N ALA A 275 -3.60 15.94 -3.32
CA ALA A 275 -3.99 17.34 -3.20
C ALA A 275 -2.84 18.27 -3.58
N LEU A 276 -1.61 17.80 -3.40
CA LEU A 276 -0.44 18.60 -3.74
C LEU A 276 -0.40 19.01 -5.20
N PHE A 277 -1.03 18.23 -6.07
CA PHE A 277 -1.02 18.57 -7.49
C PHE A 277 -1.64 19.92 -7.77
N ASN A 278 -2.50 20.40 -6.88
CA ASN A 278 -3.11 21.72 -7.03
C ASN A 278 -2.02 22.78 -6.94
N ASP A 279 -1.08 22.57 -6.02
CA ASP A 279 0.02 23.52 -5.81
C ASP A 279 1.08 23.35 -6.89
N ALA A 280 1.33 22.11 -7.29
CA ALA A 280 2.33 21.83 -8.30
C ALA A 280 1.94 22.26 -9.72
N LEU A 281 0.64 22.33 -9.99
CA LEU A 281 0.18 22.69 -11.33
C LEU A 281 -0.43 24.08 -11.49
N SER A 282 -0.57 24.81 -10.37
CA SER A 282 -1.15 26.14 -10.40
C SER A 282 -0.55 27.08 -11.44
N LYS A 283 0.76 26.96 -11.65
CA LYS A 283 1.47 27.82 -12.61
C LYS A 283 1.19 27.47 -14.07
N ASN A 284 1.07 26.18 -14.37
CA ASN A 284 0.85 25.74 -15.75
C ASN A 284 -0.62 25.63 -16.17
N ILE A 285 -1.48 25.29 -15.22
CA ILE A 285 -2.91 25.16 -15.49
C ILE A 285 -3.61 26.04 -14.45
N PRO A 286 -3.70 27.35 -14.73
CA PRO A 286 -4.33 28.34 -13.86
C PRO A 286 -5.57 27.91 -13.08
N GLY A 287 -6.60 27.45 -13.78
CA GLY A 287 -7.81 27.06 -13.10
C GLY A 287 -7.83 25.69 -12.43
N PHE A 288 -6.77 24.92 -12.59
CA PHE A 288 -6.69 23.57 -12.02
C PHE A 288 -7.13 23.52 -10.56
N LYS A 289 -8.15 22.71 -10.31
CA LYS A 289 -8.70 22.56 -8.97
C LYS A 289 -9.19 21.13 -8.77
N LEU A 290 -8.34 20.31 -8.15
CA LEU A 290 -8.66 18.90 -7.89
C LEU A 290 -9.06 18.88 -6.42
N VAL A 291 -10.32 18.54 -6.18
CA VAL A 291 -10.83 18.53 -4.81
C VAL A 291 -11.43 17.21 -4.37
N PRO A 292 -11.37 16.93 -3.06
CA PRO A 292 -11.93 15.70 -2.54
C PRO A 292 -13.46 15.77 -2.60
N MET A 293 -14.10 14.62 -2.79
CA MET A 293 -15.54 14.56 -2.83
C MET A 293 -15.96 13.31 -2.09
N ALA A 294 -17.10 13.36 -1.42
CA ALA A 294 -17.58 12.21 -0.69
C ALA A 294 -17.85 11.10 -1.68
N PRO A 295 -17.71 9.84 -1.25
CA PRO A 295 -17.96 8.73 -2.17
C PRO A 295 -19.41 8.88 -2.66
N PRO A 296 -19.68 8.55 -3.92
CA PRO A 296 -21.06 8.69 -4.39
C PRO A 296 -21.91 7.61 -3.75
N ILE A 297 -23.21 7.88 -3.59
CA ILE A 297 -24.14 6.91 -3.02
C ILE A 297 -24.20 5.74 -4.00
N ASN A 298 -23.84 4.54 -3.55
CA ASN A 298 -23.84 3.38 -4.43
C ASN A 298 -25.19 2.72 -4.59
N SER A 299 -25.20 1.58 -5.28
CA SER A 299 -26.43 0.85 -5.58
C SER A 299 -27.10 0.30 -4.32
N LYS A 300 -26.36 0.29 -3.22
CA LYS A 300 -26.90 -0.20 -1.95
C LYS A 300 -27.30 0.96 -1.06
N GLY A 301 -27.37 2.15 -1.66
CA GLY A 301 -27.77 3.34 -0.94
C GLY A 301 -26.78 3.91 0.06
N GLN A 302 -25.51 3.48 -0.02
CA GLN A 302 -24.51 3.94 0.92
C GLN A 302 -23.25 4.53 0.25
N ARG A 303 -22.56 5.42 0.98
CA ARG A 303 -21.35 6.06 0.46
C ARG A 303 -20.18 5.31 1.08
N TRP A 304 -19.52 4.47 0.29
CA TRP A 304 -18.41 3.69 0.82
C TRP A 304 -17.00 4.19 0.54
N GLU A 305 -16.16 4.19 1.57
CA GLU A 305 -14.74 4.48 1.39
C GLU A 305 -14.19 3.18 1.95
N GLU A 306 -13.82 2.29 1.06
CA GLU A 306 -13.32 0.98 1.43
C GLU A 306 -11.92 0.95 2.03
N ASP A 307 -11.11 1.94 1.70
CA ASP A 307 -9.71 1.96 2.16
C ASP A 307 -9.43 2.74 3.44
N ALA A 308 -8.44 2.28 4.19
CA ALA A 308 -8.02 2.93 5.42
C ALA A 308 -6.56 2.56 5.69
N ARG A 309 -5.88 3.40 6.46
CA ARG A 309 -4.48 3.12 6.78
C ARG A 309 -4.45 1.80 7.56
N GLN A 310 -3.51 0.91 7.23
CA GLN A 310 -3.42 -0.37 7.90
C GLN A 310 -2.23 -0.48 8.84
N ILE A 311 -2.53 -0.69 10.12
CA ILE A 311 -1.50 -0.78 11.15
C ILE A 311 -1.47 -2.14 11.86
N PRO A 312 -0.43 -2.95 11.62
CA PRO A 312 0.72 -2.67 10.75
C PRO A 312 0.43 -3.13 9.32
N ARG A 313 1.39 -2.91 8.42
CA ARG A 313 1.20 -3.36 7.05
C ARG A 313 1.96 -4.66 6.85
N PRO A 314 1.57 -5.47 5.87
CA PRO A 314 2.26 -6.73 5.62
C PRO A 314 3.63 -6.50 4.96
N ASP A 315 4.33 -5.49 5.44
CA ASP A 315 5.65 -5.12 4.92
C ASP A 315 6.69 -5.12 6.04
N GLY A 316 7.96 -5.19 5.67
CA GLY A 316 9.01 -5.17 6.67
C GLY A 316 10.25 -5.96 6.26
N TRP A 317 11.03 -6.35 7.26
CA TRP A 317 12.23 -7.13 6.99
C TRP A 317 12.50 -8.19 8.05
N ALA A 318 13.24 -9.22 7.64
CA ALA A 318 13.58 -10.33 8.53
C ALA A 318 15.06 -10.71 8.44
N ILE A 319 15.48 -11.55 9.38
CA ILE A 319 16.86 -12.01 9.45
C ILE A 319 16.90 -13.47 8.99
N THR A 320 17.80 -13.77 8.07
CA THR A 320 17.92 -15.14 7.55
C THR A 320 18.69 -16.06 8.48
N ALA A 321 18.58 -17.36 8.25
CA ALA A 321 19.26 -18.35 9.07
C ALA A 321 20.76 -18.37 8.75
N THR A 322 21.15 -17.70 7.67
CA THR A 322 22.55 -17.65 7.26
C THR A 322 23.27 -16.43 7.85
N ASN A 323 22.51 -15.54 8.48
CA ASN A 323 23.08 -14.34 9.09
C ASN A 323 23.93 -14.77 10.27
N LYS A 324 25.25 -14.57 10.16
CA LYS A 324 26.17 -14.96 11.24
C LYS A 324 26.21 -13.97 12.40
N ASN A 325 25.51 -12.85 12.27
CA ASN A 325 25.49 -11.84 13.32
C ASN A 325 24.08 -11.41 13.69
N PRO A 326 23.27 -12.35 14.20
CA PRO A 326 21.88 -12.08 14.60
C PRO A 326 21.66 -11.07 15.73
N VAL A 327 22.50 -11.10 16.77
CA VAL A 327 22.34 -10.16 17.86
C VAL A 327 22.64 -8.72 17.43
N GLU A 328 23.65 -8.54 16.58
CA GLU A 328 23.96 -7.19 16.11
C GLU A 328 22.85 -6.74 15.17
N THR A 329 22.32 -7.68 14.40
CA THR A 329 21.25 -7.35 13.48
C THR A 329 19.99 -6.87 14.20
N ILE A 330 19.58 -7.58 15.24
CA ILE A 330 18.38 -7.17 15.99
C ILE A 330 18.64 -5.83 16.66
N LYS A 331 19.90 -5.57 17.01
CA LYS A 331 20.24 -4.30 17.65
C LYS A 331 20.14 -3.20 16.62
N LEU A 332 20.55 -3.49 15.38
CA LEU A 332 20.47 -2.51 14.30
C LEU A 332 19.00 -2.20 14.08
N PHE A 333 18.20 -3.26 14.06
CA PHE A 333 16.76 -3.13 13.87
C PHE A 333 16.14 -2.31 14.99
N ASP A 334 16.57 -2.56 16.22
CA ASP A 334 16.01 -1.82 17.37
C ASP A 334 16.30 -0.32 17.30
N PHE A 335 17.42 0.02 16.69
CA PHE A 335 17.82 1.42 16.55
C PHE A 335 16.72 2.21 15.85
N TYR A 336 16.07 1.58 14.89
CA TYR A 336 15.01 2.24 14.15
C TYR A 336 13.78 2.59 14.99
N PHE A 337 13.63 1.96 16.15
CA PHE A 337 12.50 2.25 17.01
C PHE A 337 12.83 3.19 18.17
N GLY A 338 14.06 3.70 18.15
CA GLY A 338 14.48 4.65 19.16
C GLY A 338 14.12 6.01 18.58
N PRO A 339 14.17 7.09 19.38
CA PRO A 339 13.84 8.42 18.87
C PRO A 339 14.62 8.93 17.66
N LYS A 340 15.94 8.77 17.67
CA LYS A 340 16.76 9.24 16.56
C LYS A 340 16.61 8.36 15.32
N GLY A 341 16.52 7.06 15.53
CA GLY A 341 16.36 6.14 14.42
C GLY A 341 15.02 6.37 13.75
N ARG A 342 13.97 6.57 14.54
CA ARG A 342 12.65 6.81 13.99
C ARG A 342 12.63 8.12 13.21
N GLU A 343 13.30 9.13 13.73
CA GLU A 343 13.33 10.43 13.06
C GLU A 343 13.98 10.31 11.68
N LEU A 344 15.12 9.64 11.61
CA LEU A 344 15.82 9.46 10.35
C LEU A 344 15.00 8.68 9.32
N SER A 345 14.40 7.56 9.78
CA SER A 345 13.61 6.71 8.90
C SER A 345 12.36 7.39 8.35
N ASN A 346 11.97 8.51 8.98
CA ASN A 346 10.80 9.26 8.55
C ASN A 346 11.12 10.55 7.78
N PHE A 347 12.05 11.35 8.31
CA PHE A 347 12.40 12.65 7.72
C PHE A 347 13.62 12.76 6.81
N GLY A 348 14.52 11.79 6.89
CA GLY A 348 15.71 11.84 6.06
C GLY A 348 16.96 12.11 6.89
N VAL A 349 17.77 13.07 6.47
CA VAL A 349 19.00 13.40 7.20
C VAL A 349 18.99 14.85 7.67
N PRO A 350 19.29 15.08 8.96
CA PRO A 350 19.32 16.43 9.54
C PRO A 350 20.39 17.29 8.89
N GLY A 351 19.96 18.41 8.31
CA GLY A 351 20.89 19.30 7.66
C GLY A 351 20.77 19.12 6.15
N LEU A 352 20.11 18.04 5.75
CA LEU A 352 19.91 17.73 4.34
C LEU A 352 18.47 17.99 3.92
N THR A 353 17.55 17.19 4.45
CA THR A 353 16.14 17.35 4.12
C THR A 353 15.38 18.09 5.22
N TYR A 354 15.93 18.12 6.42
CA TYR A 354 15.27 18.80 7.52
C TYR A 354 16.26 19.34 8.55
N ASP A 355 15.74 20.14 9.47
CA ASP A 355 16.54 20.72 10.54
C ASP A 355 15.74 20.63 11.82
N ILE A 356 16.43 20.57 12.95
CA ILE A 356 15.76 20.52 14.25
C ILE A 356 15.56 21.96 14.68
N LYS A 357 14.30 22.36 14.87
CA LYS A 357 13.99 23.71 15.29
C LYS A 357 12.99 23.64 16.41
N ASN A 358 13.29 24.31 17.52
CA ASN A 358 12.42 24.26 18.70
C ASN A 358 12.44 22.80 19.13
N GLY A 359 13.51 22.10 18.74
CA GLY A 359 13.65 20.70 19.09
C GLY A 359 12.87 19.73 18.24
N LYS A 360 12.17 20.22 17.22
CA LYS A 360 11.37 19.35 16.35
C LYS A 360 11.89 19.22 14.93
N PRO A 361 11.74 18.03 14.33
CA PRO A 361 12.22 17.89 12.96
C PRO A 361 11.33 18.74 12.06
N VAL A 362 11.93 19.68 11.35
CA VAL A 362 11.17 20.55 10.46
C VAL A 362 11.75 20.52 9.06
N TYR A 363 10.93 20.10 8.11
CA TYR A 363 11.35 20.01 6.71
C TYR A 363 11.80 21.35 6.18
N LYS A 364 12.83 21.34 5.34
CA LYS A 364 13.36 22.56 4.74
C LYS A 364 12.37 23.05 3.68
N ASP A 365 12.36 24.35 3.43
CA ASP A 365 11.44 24.91 2.43
C ASP A 365 11.69 24.38 1.04
N THR A 366 12.91 23.96 0.76
CA THR A 366 13.24 23.42 -0.56
C THR A 366 12.48 22.11 -0.80
N VAL A 367 12.24 21.36 0.27
CA VAL A 367 11.52 20.09 0.19
C VAL A 367 10.01 20.35 0.10
N LEU A 368 9.52 21.25 0.94
CA LEU A 368 8.10 21.58 0.97
C LEU A 368 7.57 22.30 -0.27
N LYS A 369 8.45 23.01 -0.98
CA LYS A 369 8.05 23.75 -2.18
C LYS A 369 8.30 22.96 -3.45
N ALA A 370 8.97 21.82 -3.32
CA ALA A 370 9.29 20.97 -4.46
C ALA A 370 8.04 20.52 -5.23
N ALA A 371 8.24 20.14 -6.49
CA ALA A 371 7.14 19.69 -7.33
C ALA A 371 6.75 18.26 -6.97
N GLN A 372 7.73 17.50 -6.47
CA GLN A 372 7.53 16.10 -6.11
C GLN A 372 6.93 15.96 -4.71
N PRO A 373 5.90 15.11 -4.55
CA PRO A 373 5.30 14.96 -3.22
C PRO A 373 6.42 14.58 -2.26
N VAL A 374 6.27 14.95 -0.99
CA VAL A 374 7.30 14.67 -0.01
C VAL A 374 7.65 13.20 0.21
N ASN A 375 6.67 12.29 0.12
CA ASN A 375 7.03 10.89 0.32
C ASN A 375 7.91 10.39 -0.82
N ASN A 376 7.63 10.83 -2.04
CA ASN A 376 8.45 10.45 -3.19
C ASN A 376 9.89 10.91 -2.95
N GLN A 377 10.03 12.08 -2.36
CA GLN A 377 11.35 12.65 -2.06
C GLN A 377 12.08 11.80 -1.04
N MET A 378 11.35 11.30 -0.05
CA MET A 378 11.97 10.48 0.99
C MET A 378 12.45 9.15 0.39
N TYR A 379 11.65 8.57 -0.49
CA TYR A 379 12.00 7.29 -1.12
C TYR A 379 13.35 7.41 -1.81
N ASP A 380 13.58 8.56 -2.44
CA ASP A 380 14.83 8.82 -3.15
C ASP A 380 16.07 8.79 -2.26
N ILE A 381 15.89 9.09 -0.97
CA ILE A 381 17.03 9.07 -0.05
C ILE A 381 17.01 7.96 1.00
N GLY A 382 16.11 7.00 0.86
CA GLY A 382 16.05 5.90 1.81
C GLY A 382 15.17 6.07 3.03
N ALA A 383 14.22 7.00 2.97
CA ALA A 383 13.31 7.23 4.08
C ALA A 383 11.92 6.79 3.62
N GLN A 384 11.03 6.52 4.57
CA GLN A 384 9.66 6.09 4.24
C GLN A 384 9.68 4.85 3.34
N ILE A 385 10.65 3.97 3.56
CA ILE A 385 10.76 2.75 2.79
C ILE A 385 10.22 1.62 3.66
N PRO A 386 9.59 0.61 3.02
CA PRO A 386 8.99 -0.56 3.69
C PRO A 386 9.88 -1.50 4.50
N ILE A 387 10.73 -0.94 5.35
CA ILE A 387 11.58 -1.76 6.21
C ILE A 387 10.81 -1.88 7.52
N GLY A 388 11.45 -2.42 8.56
CA GLY A 388 10.78 -2.51 9.84
C GLY A 388 10.96 -1.16 10.52
N PHE A 389 9.96 -0.29 10.44
CA PHE A 389 10.05 1.01 11.08
C PHE A 389 8.69 1.55 11.51
N TRP A 390 8.71 2.56 12.37
CA TRP A 390 7.48 3.17 12.87
C TRP A 390 7.28 4.55 12.28
N GLN A 391 6.33 4.65 11.35
CA GLN A 391 6.01 5.92 10.69
C GLN A 391 5.50 6.94 11.71
N ASP A 392 5.83 8.20 11.47
CA ASP A 392 5.43 9.30 12.35
C ASP A 392 4.55 10.24 11.53
N TYR A 393 3.27 10.33 11.86
CA TYR A 393 2.38 11.19 11.09
C TYR A 393 2.81 12.65 11.01
N GLU A 394 3.63 13.10 11.96
CA GLU A 394 4.08 14.50 11.93
C GLU A 394 4.84 14.80 10.63
N TYR A 395 5.50 13.78 10.08
CA TYR A 395 6.24 13.94 8.85
C TYR A 395 5.27 14.28 7.73
N GLU A 396 4.08 13.69 7.80
CA GLU A 396 3.06 13.88 6.77
C GLU A 396 2.27 15.19 6.92
N ARG A 397 1.97 15.55 8.16
CA ARG A 397 1.23 16.78 8.41
C ARG A 397 1.89 18.00 7.76
N GLN A 398 3.20 18.08 7.85
CA GLN A 398 3.95 19.22 7.29
C GLN A 398 3.71 19.48 5.80
N TRP A 399 3.35 18.45 5.04
CA TRP A 399 3.07 18.66 3.62
C TRP A 399 1.63 18.28 3.23
N THR A 400 0.72 18.36 4.19
CA THR A 400 -0.68 18.09 3.94
C THR A 400 -1.30 19.49 3.88
N ASN A 401 -1.66 19.94 2.67
CA ASN A 401 -2.23 21.28 2.55
C ASN A 401 -3.68 21.36 2.98
N ASP A 402 -4.22 22.57 3.01
CA ASP A 402 -5.59 22.80 3.44
C ASP A 402 -6.64 22.00 2.65
N VAL A 403 -6.41 21.81 1.36
CA VAL A 403 -7.38 21.05 0.56
C VAL A 403 -7.42 19.61 1.07
N ALA A 404 -6.25 19.00 1.21
CA ALA A 404 -6.16 17.63 1.71
C ALA A 404 -6.72 17.52 3.12
N LEU A 405 -6.36 18.48 3.98
CA LEU A 405 -6.84 18.46 5.36
C LEU A 405 -8.36 18.52 5.41
N GLN A 406 -8.95 19.33 4.53
CA GLN A 406 -10.41 19.46 4.50
C GLN A 406 -11.03 18.11 4.13
N GLY A 407 -10.45 17.45 3.13
CA GLY A 407 -10.97 16.16 2.71
C GLY A 407 -10.85 15.11 3.81
N ILE A 408 -9.67 15.06 4.44
CA ILE A 408 -9.42 14.11 5.52
C ILE A 408 -10.45 14.30 6.64
N ASP A 409 -10.66 15.55 7.05
CA ASP A 409 -11.61 15.83 8.11
C ASP A 409 -13.05 15.48 7.70
N MET A 410 -13.37 15.66 6.42
CA MET A 410 -14.71 15.34 5.93
C MET A 410 -14.99 13.84 6.00
N TYR A 411 -14.02 13.04 5.59
CA TYR A 411 -14.16 11.59 5.63
C TYR A 411 -14.25 11.07 7.06
N ILE A 412 -13.41 11.64 7.94
CA ILE A 412 -13.41 11.23 9.34
C ILE A 412 -14.76 11.61 9.97
N LYS A 413 -15.13 12.88 9.83
CA LYS A 413 -16.38 13.37 10.39
C LYS A 413 -17.62 12.61 9.91
N ASN A 414 -17.68 12.32 8.62
CA ASN A 414 -18.82 11.63 8.04
C ASN A 414 -18.76 10.10 8.11
N LYS A 415 -17.68 9.56 8.65
CA LYS A 415 -17.51 8.12 8.80
C LYS A 415 -17.79 7.28 7.55
N TYR A 416 -17.16 7.61 6.43
CA TYR A 416 -17.37 6.83 5.19
C TYR A 416 -16.52 5.56 5.21
N VAL A 417 -15.43 5.59 5.98
CA VAL A 417 -14.54 4.45 6.03
C VAL A 417 -15.19 3.20 6.62
N LEU A 418 -15.23 2.14 5.82
CA LEU A 418 -15.80 0.87 6.23
C LEU A 418 -14.89 0.14 7.21
N PRO A 419 -15.48 -0.62 8.15
CA PRO A 419 -14.69 -1.37 9.12
C PRO A 419 -13.69 -2.23 8.35
N GLN A 420 -12.43 -2.23 8.80
CA GLN A 420 -11.38 -2.97 8.13
C GLN A 420 -11.17 -4.37 8.71
N PHE A 421 -10.83 -5.32 7.83
CA PHE A 421 -10.58 -6.70 8.24
C PHE A 421 -9.28 -6.76 9.01
N THR A 422 -9.34 -7.26 10.25
CA THR A 422 -8.16 -7.35 11.09
C THR A 422 -7.44 -8.69 11.00
N GLY A 423 -7.87 -9.53 10.04
CA GLY A 423 -7.24 -10.82 9.85
C GLY A 423 -7.53 -11.85 10.93
N VAL A 424 -7.02 -13.06 10.73
CA VAL A 424 -7.20 -14.15 11.68
C VAL A 424 -5.88 -14.88 11.92
N ASN A 425 -5.85 -15.67 12.98
CA ASN A 425 -4.66 -16.43 13.32
C ASN A 425 -4.90 -17.91 13.05
N LEU A 426 -4.21 -18.42 12.03
CA LEU A 426 -4.35 -19.80 11.62
C LEU A 426 -3.42 -20.74 12.37
N THR A 427 -3.85 -21.98 12.53
CA THR A 427 -3.03 -22.99 13.19
C THR A 427 -2.03 -23.41 12.11
N VAL A 428 -1.04 -24.20 12.49
CA VAL A 428 -0.03 -24.67 11.54
C VAL A 428 -0.69 -25.45 10.41
N GLU A 429 -1.60 -26.36 10.77
CA GLU A 429 -2.30 -27.18 9.80
C GLU A 429 -3.12 -26.33 8.84
N GLU A 430 -3.83 -25.35 9.39
CA GLU A 430 -4.63 -24.45 8.57
C GLU A 430 -3.74 -23.60 7.66
N ARG A 431 -2.61 -23.15 8.20
CA ARG A 431 -1.68 -22.33 7.43
C ARG A 431 -1.13 -23.14 6.25
N GLU A 432 -0.99 -24.45 6.43
CA GLU A 432 -0.48 -25.31 5.37
C GLU A 432 -1.36 -25.24 4.13
N ILE A 433 -2.67 -25.33 4.32
CA ILE A 433 -3.60 -25.25 3.19
C ILE A 433 -3.50 -23.86 2.57
N TYR A 434 -3.45 -22.85 3.43
CA TYR A 434 -3.34 -21.46 3.01
C TYR A 434 -2.14 -21.21 2.09
N ASP A 435 -0.96 -21.64 2.52
CA ASP A 435 0.25 -21.45 1.71
C ASP A 435 0.29 -22.31 0.45
N LYS A 436 -0.45 -23.41 0.44
CA LYS A 436 -0.47 -24.29 -0.71
C LYS A 436 -1.32 -23.76 -1.86
N TYR A 437 -2.47 -23.18 -1.54
CA TYR A 437 -3.38 -22.70 -2.58
C TYR A 437 -3.58 -21.20 -2.77
N TRP A 438 -3.73 -20.45 -1.68
CA TRP A 438 -4.00 -19.02 -1.78
C TRP A 438 -3.16 -18.25 -2.79
N PRO A 439 -1.82 -18.32 -2.69
CA PRO A 439 -0.97 -17.59 -3.64
C PRO A 439 -1.39 -17.70 -5.10
N ASP A 440 -1.55 -18.92 -5.60
CA ASP A 440 -1.93 -19.13 -6.99
C ASP A 440 -3.36 -18.72 -7.28
N VAL A 441 -4.25 -18.90 -6.32
CA VAL A 441 -5.65 -18.50 -6.51
C VAL A 441 -5.70 -16.98 -6.68
N LYS A 442 -5.00 -16.27 -5.81
CA LYS A 442 -4.95 -14.81 -5.84
C LYS A 442 -4.52 -14.33 -7.22
N THR A 443 -3.46 -14.95 -7.74
CA THR A 443 -2.92 -14.63 -9.07
C THR A 443 -4.00 -14.82 -10.13
N TYR A 444 -4.68 -15.96 -10.06
CA TYR A 444 -5.74 -16.28 -11.00
C TYR A 444 -6.89 -15.27 -10.91
N MET A 445 -7.28 -14.91 -9.70
CA MET A 445 -8.36 -13.95 -9.52
C MET A 445 -8.05 -12.62 -10.19
N PHE A 446 -6.82 -12.15 -10.03
CA PHE A 446 -6.41 -10.90 -10.64
C PHE A 446 -6.49 -11.01 -12.16
N GLU A 447 -5.97 -12.11 -12.71
CA GLU A 447 -5.98 -12.33 -14.15
C GLU A 447 -7.41 -12.34 -14.68
N MET A 448 -8.31 -13.03 -13.99
CA MET A 448 -9.70 -13.07 -14.42
C MET A 448 -10.27 -11.66 -14.29
N GLY A 449 -9.89 -10.97 -13.22
CA GLY A 449 -10.35 -9.61 -13.00
C GLY A 449 -10.01 -8.70 -14.15
N GLN A 450 -8.76 -8.71 -14.60
CA GLN A 450 -8.36 -7.86 -15.70
C GLN A 450 -9.11 -8.23 -16.98
N SER A 451 -9.23 -9.53 -17.25
CA SER A 451 -9.94 -10.00 -18.45
C SER A 451 -11.38 -9.49 -18.49
N TRP A 452 -12.05 -9.51 -17.34
CA TRP A 452 -13.41 -9.04 -17.28
C TRP A 452 -13.46 -7.53 -17.53
N VAL A 453 -12.59 -6.79 -16.87
CA VAL A 453 -12.55 -5.34 -17.06
C VAL A 453 -12.28 -4.95 -18.52
N MET A 454 -11.29 -5.60 -19.14
CA MET A 454 -10.94 -5.29 -20.51
C MET A 454 -11.83 -5.91 -21.58
N GLY A 455 -12.88 -6.60 -21.15
CA GLY A 455 -13.81 -7.21 -22.09
C GLY A 455 -13.33 -8.42 -22.87
N THR A 456 -12.17 -8.97 -22.54
CA THR A 456 -11.68 -10.14 -23.27
C THR A 456 -12.43 -11.39 -22.80
N LYS A 457 -13.13 -11.25 -21.68
CA LYS A 457 -13.96 -12.32 -21.13
C LYS A 457 -15.21 -11.69 -20.53
N ASP A 458 -16.35 -12.29 -20.81
CA ASP A 458 -17.62 -11.80 -20.28
C ASP A 458 -17.85 -12.43 -18.92
N PRO A 459 -17.95 -11.62 -17.86
CA PRO A 459 -18.15 -12.16 -16.51
C PRO A 459 -19.40 -13.03 -16.36
N GLU A 460 -20.44 -12.71 -17.12
CA GLU A 460 -21.67 -13.48 -17.07
C GLU A 460 -21.47 -14.86 -17.67
N LYS A 461 -20.87 -14.92 -18.85
CA LYS A 461 -20.64 -16.17 -19.57
C LYS A 461 -19.55 -17.07 -18.99
N THR A 462 -18.61 -16.49 -18.25
CA THR A 462 -17.51 -17.28 -17.69
C THR A 462 -17.59 -17.52 -16.18
N TRP A 463 -18.65 -17.06 -15.54
CA TRP A 463 -18.76 -17.24 -14.09
C TRP A 463 -18.71 -18.69 -13.62
N ASN A 464 -19.48 -19.57 -14.25
CA ASN A 464 -19.48 -20.96 -13.83
C ASN A 464 -18.14 -21.64 -13.99
N ASP A 465 -17.44 -21.32 -15.07
CA ASP A 465 -16.13 -21.91 -15.32
C ASP A 465 -15.17 -21.37 -14.26
N TYR A 466 -15.33 -20.09 -13.92
CA TYR A 466 -14.51 -19.42 -12.93
C TYR A 466 -14.68 -20.08 -11.56
N GLN A 467 -15.93 -20.30 -11.18
CA GLN A 467 -16.24 -20.93 -9.89
C GLN A 467 -15.66 -22.34 -9.83
N GLN A 468 -15.68 -23.04 -10.96
CA GLN A 468 -15.16 -24.40 -11.01
C GLN A 468 -13.65 -24.39 -10.82
N GLN A 469 -12.98 -23.41 -11.43
CA GLN A 469 -11.54 -23.28 -11.29
C GLN A 469 -11.15 -22.91 -9.87
N LEU A 470 -11.91 -22.00 -9.25
CA LEU A 470 -11.61 -21.62 -7.87
C LEU A 470 -11.67 -22.87 -7.01
N LYS A 471 -12.66 -23.72 -7.29
CA LYS A 471 -12.82 -24.97 -6.56
C LYS A 471 -11.61 -25.87 -6.82
N ASN A 472 -11.34 -26.11 -8.10
CA ASN A 472 -10.21 -26.95 -8.48
C ASN A 472 -8.87 -26.43 -7.98
N ARG A 473 -8.74 -25.11 -7.89
CA ARG A 473 -7.51 -24.49 -7.43
C ARG A 473 -7.41 -24.39 -5.90
N GLY A 474 -8.38 -24.97 -5.20
CA GLY A 474 -8.36 -24.97 -3.76
C GLY A 474 -8.81 -23.74 -3.00
N PHE A 475 -9.47 -22.81 -3.68
CA PHE A 475 -9.96 -21.60 -3.03
C PHE A 475 -10.90 -21.90 -1.86
N TYR A 476 -11.84 -22.81 -2.08
CA TYR A 476 -12.80 -23.16 -1.03
C TYR A 476 -12.18 -23.91 0.13
N GLN A 477 -11.02 -24.53 -0.09
CA GLN A 477 -10.34 -25.24 0.99
C GLN A 477 -9.74 -24.15 1.87
N VAL A 478 -9.28 -23.07 1.22
CA VAL A 478 -8.70 -21.95 1.93
C VAL A 478 -9.81 -21.25 2.72
N MET A 479 -10.96 -21.07 2.09
CA MET A 479 -12.10 -20.41 2.73
C MET A 479 -12.54 -21.13 3.99
N ILE A 480 -12.58 -22.46 3.95
CA ILE A 480 -13.00 -23.22 5.12
C ILE A 480 -12.05 -23.03 6.31
N VAL A 481 -10.75 -23.08 6.07
CA VAL A 481 -9.79 -22.91 7.17
C VAL A 481 -9.87 -21.49 7.72
N MET A 482 -10.09 -20.51 6.85
CA MET A 482 -10.20 -19.12 7.28
C MET A 482 -11.41 -18.97 8.21
N GLN A 483 -12.52 -19.60 7.83
CA GLN A 483 -13.74 -19.54 8.63
C GLN A 483 -13.57 -20.26 9.96
N LYS A 484 -12.84 -21.37 9.97
CA LYS A 484 -12.62 -22.11 11.21
C LYS A 484 -11.78 -21.27 12.16
N ALA A 485 -10.82 -20.54 11.61
CA ALA A 485 -9.94 -19.70 12.41
C ALA A 485 -10.73 -18.49 12.94
N TYR A 486 -11.62 -17.95 12.11
CA TYR A 486 -12.42 -16.81 12.50
C TYR A 486 -13.31 -17.14 13.70
N ASP A 487 -13.95 -18.30 13.65
CA ASP A 487 -14.83 -18.70 14.74
C ASP A 487 -14.05 -19.08 15.98
N ARG A 488 -12.83 -19.56 15.77
CA ARG A 488 -11.96 -19.96 16.87
C ARG A 488 -11.64 -18.76 17.75
N GLN A 489 -12.00 -17.57 17.28
CA GLN A 489 -11.74 -16.36 18.03
C GLN A 489 -13.00 -15.60 18.42
N TYR A 490 -13.95 -15.53 17.50
CA TYR A 490 -15.19 -14.81 17.75
C TYR A 490 -16.43 -15.70 17.81
C1 MAV B . 3.45 -6.16 -5.60
O1 MAV B . 4.18 -6.45 -4.46
C2 MAV B . 3.92 -4.84 -6.21
O2 MAV B . 3.09 -4.53 -7.32
C3 MAV B . 3.79 -3.74 -5.15
O3 MAV B . 4.21 -2.49 -5.69
C4 MAV B . 2.34 -3.65 -4.68
O4 MAV B . 2.26 -2.70 -3.59
C5 MAV B . 1.85 -5.04 -4.21
O5 MAV B . 2.07 -6.04 -5.23
C6 MAV B . 0.38 -5.04 -3.84
O6A MAV B . -0.43 -5.40 -4.72
O6B MAV B . 0.05 -4.68 -2.70
C1 LGU B . 1.23 -1.77 -3.63
C2 LGU B . 0.97 -1.22 -2.23
O2 LGU B . 0.66 -2.28 -1.35
C3 LGU B . 2.21 -0.47 -1.70
O3 LGU B . 3.27 -1.39 -1.46
C4 LGU B . 2.68 0.58 -2.71
O4 LGU B . 1.78 1.70 -2.74
C5 LGU B . 2.82 -0.01 -4.13
O5 LGU B . 1.61 -0.70 -4.51
C6 LGU B . 3.11 1.09 -5.14
O6B LGU B . 2.45 1.13 -6.20
O6A LGU B . 3.99 1.94 -4.85
C1 MAV B . 2.15 2.78 -1.93
C2 MAV B . 1.37 4.04 -2.33
O2 MAV B . -0.02 3.80 -2.22
C3 MAV B . 1.78 5.21 -1.42
O3 MAV B . 0.94 6.33 -1.67
C4 MAV B . 1.71 4.84 0.07
O4 MAV B . 2.36 5.85 0.84
C5 MAV B . 2.46 3.54 0.31
O5 MAV B . 1.93 2.51 -0.55
C6 MAV B . 2.40 3.11 1.77
O6A MAV B . 1.53 2.29 2.12
O6B MAV B . 3.24 3.61 2.54
C1 BEM B . 1.58 6.78 1.52
C2 BEM B . 2.39 7.26 2.74
O2 BEM B . 3.69 7.63 2.31
C3 BEM B . 1.70 8.46 3.34
O3 BEM B . 2.35 8.96 4.50
C4 BEM B . 1.14 9.46 2.39
C5 BEM B . 0.67 9.00 1.12
O5 BEM B . 1.36 7.86 0.59
C6 BEM B . 0.31 9.98 0.16
O6B BEM B . 0.57 9.75 -1.04
O6A BEM B . -0.26 11.02 0.55
CA CA C . -10.07 18.33 -24.98
#